data_7ORT
#
_entry.id   7ORT
#
_cell.length_a   82.579
_cell.length_b   112.025
_cell.length_c   62.632
_cell.angle_alpha   90.000
_cell.angle_beta   90.000
_cell.angle_gamma   90.000
#
_symmetry.space_group_name_H-M   'C 2 2 21'
#
loop_
_entity.id
_entity.type
_entity.pdbx_description
1 polymer '14-3-3 protein sigma'
2 polymer 'Cyclin-dependent kinase inhibitor 1B'
3 non-polymer ~{N}-[(5-carbamimidoyl-3-phenyl-thiophen-2-yl)methyl]-2-(1~{H}-indol-6-yl)ethanamide
4 non-polymer 'MAGNESIUM ION'
5 non-polymer 'CHLORIDE ION'
6 water water
#
loop_
_entity_poly.entity_id
_entity_poly.type
_entity_poly.pdbx_seq_one_letter_code
_entity_poly.pdbx_strand_id
1 'polypeptide(L)'
;GAMGSMERASLIQKAKLAEQAERYEDMAAFMKGAVEKGEELS(CSO)EERNLLSVAYKNVVGGQRAAWRVLSSIEQKSNE
EGSEEKGPEVREYREKVETELQGVCDTVLGLLDSHLIKEAGDAESRVFYLKMKGDYYRYLAEVATGDDKKRIIDSARSAY
QEAMDISKKEMPPTNPIRLGLALNFSVFHYEIANSPEEAISLAKTTFDEAMADLHTLSEDSYKDSTLIMQLLRDNLTLWT
ADNAGEEGGEAPQEPQS
;
A
2 'polypeptide(L)' TPKKPGLRRRQ(TPO) P
#
loop_
_chem_comp.id
_chem_comp.type
_chem_comp.name
_chem_comp.formula
0HP non-polymer ~{N}-[(5-carbamimidoyl-3-phenyl-thiophen-2-yl)methyl]-2-(1~{H}-indol-6-yl)ethanamide 'C22 H20 N4 O S'
CL non-polymer 'CHLORIDE ION' 'Cl -1'
MG non-polymer 'MAGNESIUM ION' 'Mg 2'
#
# COMPACT_ATOMS: atom_id res chain seq x y z
N GLY A 1 17.59 7.76 14.43
CA GLY A 1 17.70 9.05 13.68
C GLY A 1 17.25 10.26 14.48
N ALA A 2 16.69 11.23 13.77
CA ALA A 2 16.37 12.53 14.36
C ALA A 2 15.17 12.49 15.29
N MET A 3 14.47 11.34 15.40
CA MET A 3 13.36 11.22 16.33
C MET A 3 13.73 10.38 17.55
N GLY A 4 14.98 9.98 17.66
CA GLY A 4 15.40 9.12 18.76
C GLY A 4 15.25 9.71 20.15
N SER A 5 15.22 11.04 20.25
CA SER A 5 15.12 11.69 21.55
C SER A 5 13.69 12.09 21.93
N MET A 6 12.70 11.79 21.10
CA MET A 6 11.30 12.07 21.44
C MET A 6 10.59 10.80 21.91
N GLU A 7 9.72 10.96 22.90
CA GLU A 7 8.95 9.84 23.41
C GLU A 7 8.12 9.19 22.30
N ARG A 8 7.91 7.87 22.44
CA ARG A 8 7.05 7.17 21.49
C ARG A 8 5.65 7.79 21.47
N ALA A 9 5.05 7.95 22.64
CA ALA A 9 3.69 8.50 22.70
C ALA A 9 3.65 9.89 22.09
N SER A 10 4.68 10.70 22.34
CA SER A 10 4.74 12.04 21.76
C SER A 10 4.81 11.98 20.24
N LEU A 11 5.53 10.99 19.70
CA LEU A 11 5.60 10.83 18.25
C LEU A 11 4.24 10.43 17.67
N ILE A 12 3.54 9.52 18.34
CA ILE A 12 2.19 9.15 17.88
C ILE A 12 1.27 10.36 17.93
N GLN A 13 1.32 11.10 19.04
CA GLN A 13 0.48 12.27 19.21
C GLN A 13 0.72 13.27 18.07
N LYS A 14 1.98 13.54 17.75
CA LYS A 14 2.28 14.54 16.72
C LYS A 14 1.97 14.02 15.32
N ALA A 15 2.06 12.70 15.10
CA ALA A 15 1.63 12.14 13.83
C ALA A 15 0.14 12.41 13.59
N LYS A 16 -0.68 12.36 14.64
CA LYS A 16 -2.10 12.67 14.49
C LYS A 16 -2.31 14.15 14.23
N LEU A 17 -1.54 15.02 14.89
CA LEU A 17 -1.64 16.45 14.60
C LEU A 17 -1.24 16.75 13.17
N ALA A 18 -0.13 16.15 12.70
CA ALA A 18 0.31 16.39 11.33
C ALA A 18 -0.72 15.90 10.32
N GLU A 19 -1.43 14.82 10.64
CA GLU A 19 -2.50 14.36 9.77
C GLU A 19 -3.60 15.41 9.67
N GLN A 20 -4.03 15.95 10.81
CA GLN A 20 -5.07 16.98 10.80
C GLN A 20 -4.59 18.21 10.06
N ALA A 21 -3.29 18.52 10.15
CA ALA A 21 -2.70 19.64 9.46
C ALA A 21 -2.33 19.32 8.02
N GLU A 22 -2.62 18.09 7.56
CA GLU A 22 -2.24 17.64 6.22
C GLU A 22 -0.75 17.86 5.96
N ARG A 23 0.08 17.54 6.95
CA ARG A 23 1.53 17.59 6.84
C ARG A 23 2.03 16.14 6.84
N TYR A 24 1.88 15.47 5.70
CA TYR A 24 2.09 14.03 5.66
C TYR A 24 3.56 13.66 5.69
N GLU A 25 4.44 14.52 5.18
CA GLU A 25 5.87 14.28 5.32
C GLU A 25 6.29 14.33 6.78
N ASP A 26 5.75 15.29 7.54
CA ASP A 26 5.96 15.29 8.98
C ASP A 26 5.35 14.03 9.61
N MET A 27 4.12 13.69 9.19
CA MET A 27 3.46 12.50 9.70
C MET A 27 4.32 11.27 9.50
N ALA A 28 4.93 11.13 8.33
CA ALA A 28 5.75 9.96 8.04
C ALA A 28 7.01 9.94 8.92
N ALA A 29 7.71 11.06 9.03
CA ALA A 29 8.90 11.12 9.88
C ALA A 29 8.57 10.75 11.32
N PHE A 30 7.41 11.17 11.82
CA PHE A 30 7.01 10.83 13.17
C PHE A 30 6.73 9.33 13.32
N MET A 31 6.01 8.75 12.37
CA MET A 31 5.72 7.31 12.46
C MET A 31 6.96 6.48 12.21
N LYS A 32 7.85 6.93 11.32
CA LYS A 32 9.16 6.29 11.20
C LYS A 32 9.86 6.24 12.56
N GLY A 33 9.92 7.38 13.24
CA GLY A 33 10.55 7.42 14.55
C GLY A 33 9.86 6.51 15.55
N ALA A 34 8.52 6.45 15.51
CA ALA A 34 7.79 5.56 16.40
C ALA A 34 8.13 4.09 16.14
N VAL A 35 8.15 3.70 14.86
CA VAL A 35 8.53 2.33 14.53
C VAL A 35 9.92 2.01 15.07
N GLU A 36 10.87 2.89 14.84
CA GLU A 36 12.25 2.66 15.24
C GLU A 36 12.43 2.57 16.75
N LYS A 37 11.42 2.93 17.55
CA LYS A 37 11.44 2.64 18.97
C LYS A 37 11.50 1.14 19.24
N GLY A 38 11.05 0.32 18.30
CA GLY A 38 11.22 -1.11 18.39
C GLY A 38 10.05 -1.86 18.98
N GLU A 39 9.00 -1.17 19.39
CA GLU A 39 7.80 -1.83 19.89
C GLU A 39 6.85 -2.11 18.73
N GLU A 40 6.13 -3.24 18.82
CA GLU A 40 5.07 -3.55 17.87
C GLU A 40 4.12 -2.36 17.83
N LEU A 41 3.35 -2.24 16.74
CA LEU A 41 2.41 -1.15 16.56
CA LEU A 41 2.41 -1.15 16.56
C LEU A 41 0.99 -1.67 16.73
N SER A 42 0.14 -0.85 17.36
CA SER A 42 -1.27 -1.17 17.52
C SER A 42 -1.99 -0.99 16.18
N CSO A 43 -3.25 -1.40 16.12
CA CSO A 43 -3.99 -1.32 14.87
CA CSO A 43 -4.01 -1.33 14.88
CB CSO A 43 -5.40 -1.91 15.03
CB CSO A 43 -5.42 -1.92 15.07
SG CSO A 43 -6.21 -1.88 13.39
SG CSO A 43 -6.56 -1.44 13.75
C CSO A 43 -4.08 0.12 14.38
O CSO A 43 -3.88 0.40 13.19
OD CSO A 43 -7.57 -0.73 13.39
OD CSO A 43 -6.50 -2.68 12.47
HB2 CSO A 43 -5.92 -1.38 15.65
HB2 CSO A 43 -5.78 -1.61 15.92
HB3 CSO A 43 -5.35 -2.84 15.33
HB3 CSO A 43 -5.35 -2.89 15.08
HD CSO A 43 -7.80 -0.50 12.48
HD CSO A 43 -7.02 -2.39 11.70
N GLU A 44 -4.39 1.03 15.28
CA GLU A 44 -4.47 2.46 14.95
C GLU A 44 -3.12 2.99 14.47
N GLU A 45 -2.05 2.64 15.18
CA GLU A 45 -0.71 3.09 14.82
C GLU A 45 -0.30 2.54 13.45
N ARG A 46 -0.71 1.31 13.14
CA ARG A 46 -0.42 0.75 11.83
C ARG A 46 -1.11 1.56 10.74
N ASN A 47 -2.35 2.01 11.00
CA ASN A 47 -3.04 2.83 10.01
C ASN A 47 -2.39 4.20 9.87
N LEU A 48 -1.90 4.76 10.97
CA LEU A 48 -1.20 6.04 10.89
C LEU A 48 0.06 5.91 10.05
N LEU A 49 0.79 4.80 10.20
CA LEU A 49 1.96 4.55 9.35
C LEU A 49 1.55 4.48 7.88
N SER A 50 0.56 3.66 7.56
CA SER A 50 0.17 3.48 6.17
C SER A 50 -0.31 4.79 5.55
N VAL A 51 -1.19 5.50 6.24
CA VAL A 51 -1.75 6.74 5.70
C VAL A 51 -0.65 7.76 5.40
N ALA A 52 0.33 7.89 6.31
CA ALA A 52 1.36 8.90 6.13
C ALA A 52 2.16 8.64 4.86
N TYR A 53 2.71 7.43 4.72
CA TYR A 53 3.53 7.14 3.55
C TYR A 53 2.72 7.03 2.27
N LYS A 54 1.46 6.59 2.37
CA LYS A 54 0.59 6.57 1.20
C LYS A 54 0.48 7.96 0.59
N ASN A 55 0.26 8.97 1.44
CA ASN A 55 0.08 10.32 0.93
C ASN A 55 1.40 10.89 0.41
N VAL A 56 2.49 10.64 1.13
CA VAL A 56 3.80 11.11 0.65
C VAL A 56 4.11 10.50 -0.71
N VAL A 57 4.07 9.17 -0.80
CA VAL A 57 4.37 8.50 -2.05
C VAL A 57 3.29 8.77 -3.08
N GLY A 58 2.07 9.07 -2.63
CA GLY A 58 1.02 9.39 -3.59
C GLY A 58 1.29 10.67 -4.35
N GLY A 59 1.81 11.70 -3.67
CA GLY A 59 2.20 12.92 -4.37
C GLY A 59 3.38 12.70 -5.31
N GLN A 60 4.36 11.90 -4.90
CA GLN A 60 5.50 11.64 -5.76
C GLN A 60 5.10 10.89 -7.03
N ARG A 61 4.26 9.86 -6.89
CA ARG A 61 3.81 9.10 -8.05
C ARG A 61 3.07 10.00 -9.04
N ALA A 62 2.11 10.77 -8.54
CA ALA A 62 1.38 11.69 -9.40
C ALA A 62 2.33 12.65 -10.12
N ALA A 63 3.34 13.16 -9.40
CA ALA A 63 4.31 14.03 -10.03
C ALA A 63 5.12 13.27 -11.08
N TRP A 64 5.52 12.04 -10.75
CA TRP A 64 6.27 11.21 -11.70
C TRP A 64 5.47 10.97 -12.97
N ARG A 65 4.16 10.77 -12.85
CA ARG A 65 3.36 10.46 -14.03
C ARG A 65 3.22 11.69 -14.92
N VAL A 66 3.08 12.86 -14.34
CA VAL A 66 3.04 14.08 -15.14
C VAL A 66 4.35 14.23 -15.91
N LEU A 67 5.47 14.19 -15.21
CA LEU A 67 6.76 14.40 -15.86
C LEU A 67 7.05 13.32 -16.88
N SER A 68 6.71 12.07 -16.56
CA SER A 68 6.95 10.96 -17.48
C SER A 68 6.16 11.15 -18.78
N SER A 69 4.92 11.63 -18.69
CA SER A 69 4.15 11.92 -19.89
C SER A 69 4.79 13.03 -20.70
N ILE A 70 5.20 14.11 -20.05
CA ILE A 70 5.90 15.18 -20.76
C ILE A 70 7.14 14.62 -21.46
N GLU A 71 7.89 13.76 -20.77
CA GLU A 71 9.11 13.20 -21.32
C GLU A 71 8.83 12.41 -22.58
N GLN A 72 7.82 11.53 -22.54
CA GLN A 72 7.53 10.69 -23.70
C GLN A 72 7.08 11.56 -24.89
N LYS A 73 6.26 12.57 -24.64
CA LYS A 73 5.87 13.48 -25.72
C LYS A 73 7.09 14.12 -26.35
N SER A 74 8.07 14.51 -25.53
CA SER A 74 9.31 15.08 -26.06
C SER A 74 10.14 14.09 -26.87
N ASN A 75 9.81 12.80 -26.80
CA ASN A 75 10.53 11.76 -27.52
C ASN A 75 9.75 11.23 -28.72
N GLU A 76 8.82 12.02 -29.25
CA GLU A 76 8.03 11.61 -30.41
C GLU A 76 8.64 12.11 -31.70
N GLY A 83 16.50 19.28 -24.87
CA GLY A 83 17.55 19.20 -23.87
C GLY A 83 17.30 18.16 -22.80
N PRO A 84 18.21 18.07 -21.83
CA PRO A 84 18.15 17.01 -20.82
C PRO A 84 17.26 17.31 -19.63
N GLU A 85 16.65 18.49 -19.55
CA GLU A 85 16.04 18.93 -18.31
C GLU A 85 14.84 18.07 -17.91
N VAL A 86 14.03 17.65 -18.88
CA VAL A 86 12.84 16.86 -18.56
C VAL A 86 13.26 15.54 -17.94
N ARG A 87 14.17 14.81 -18.61
CA ARG A 87 14.68 13.56 -18.05
C ARG A 87 15.29 13.78 -16.67
N GLU A 88 16.14 14.80 -16.55
CA GLU A 88 16.83 15.02 -15.28
C GLU A 88 15.85 15.19 -14.14
N TYR A 89 14.81 16.00 -14.33
CA TYR A 89 13.89 16.27 -13.24
C TYR A 89 13.00 15.06 -12.95
N ARG A 90 12.62 14.30 -13.98
CA ARG A 90 11.89 13.05 -13.76
C ARG A 90 12.75 12.06 -12.99
N GLU A 91 14.04 11.97 -13.34
CA GLU A 91 14.95 11.13 -12.57
C GLU A 91 15.01 11.57 -11.12
N LYS A 92 15.04 12.88 -10.87
CA LYS A 92 15.11 13.40 -9.52
C LYS A 92 13.90 12.97 -8.69
N VAL A 93 12.70 13.25 -9.20
CA VAL A 93 11.48 12.80 -8.52
C VAL A 93 11.50 11.29 -8.32
N GLU A 94 11.85 10.55 -9.38
CA GLU A 94 11.90 9.10 -9.31
C GLU A 94 12.82 8.61 -8.22
N THR A 95 14.03 9.16 -8.15
CA THR A 95 14.98 8.76 -7.12
CA THR A 95 14.98 8.74 -7.12
C THR A 95 14.43 9.02 -5.72
N GLU A 96 13.76 10.15 -5.56
CA GLU A 96 13.16 10.50 -4.27
C GLU A 96 12.03 9.54 -3.93
N LEU A 97 11.20 9.21 -4.93
CA LEU A 97 10.14 8.22 -4.72
C LEU A 97 10.73 6.88 -4.31
N GLN A 98 11.80 6.45 -4.98
CA GLN A 98 12.40 5.17 -4.63
C GLN A 98 12.98 5.21 -3.23
N GLY A 99 13.44 6.36 -2.77
CA GLY A 99 13.96 6.46 -1.42
C GLY A 99 12.89 6.22 -0.37
N VAL A 100 11.70 6.80 -0.56
CA VAL A 100 10.60 6.56 0.37
C VAL A 100 10.21 5.09 0.36
N CYS A 101 10.10 4.50 -0.84
CA CYS A 101 9.75 3.08 -0.94
C CYS A 101 10.77 2.23 -0.21
N ASP A 102 12.07 2.51 -0.42
CA ASP A 102 13.10 1.77 0.30
C ASP A 102 13.02 2.00 1.80
N THR A 103 12.62 3.20 2.20
CA THR A 103 12.52 3.51 3.63
C THR A 103 11.42 2.68 4.29
N VAL A 104 10.26 2.57 3.64
CA VAL A 104 9.17 1.76 4.20
C VAL A 104 9.56 0.28 4.23
N LEU A 105 10.06 -0.23 3.10
CA LEU A 105 10.48 -1.63 3.04
C LEU A 105 11.51 -1.92 4.13
N GLY A 106 12.38 -0.95 4.42
CA GLY A 106 13.34 -1.13 5.50
C GLY A 106 12.66 -1.25 6.85
N LEU A 107 11.56 -0.53 7.06
CA LEU A 107 10.84 -0.61 8.33
C LEU A 107 10.14 -1.96 8.46
N LEU A 108 9.44 -2.37 7.41
CA LEU A 108 8.79 -3.67 7.42
C LEU A 108 9.79 -4.77 7.67
N ASP A 109 10.95 -4.71 7.03
CA ASP A 109 11.98 -5.72 7.19
C ASP A 109 12.78 -5.57 8.48
N SER A 110 12.68 -4.44 9.19
CA SER A 110 13.49 -4.20 10.38
C SER A 110 12.68 -3.37 11.39
N HIS A 111 11.78 -4.02 12.13
CA HIS A 111 11.56 -5.46 12.10
C HIS A 111 10.07 -5.78 12.25
N LEU A 112 9.22 -4.96 11.63
CA LEU A 112 7.78 -5.07 11.86
C LEU A 112 7.23 -6.43 11.45
N ILE A 113 7.74 -7.01 10.36
CA ILE A 113 7.14 -8.22 9.83
C ILE A 113 7.48 -9.41 10.71
N LYS A 114 8.75 -9.59 11.07
CA LYS A 114 9.12 -10.79 11.81
C LYS A 114 8.55 -10.78 13.22
N GLU A 115 8.27 -9.60 13.79
CA GLU A 115 7.66 -9.53 15.11
CA GLU A 115 7.65 -9.49 15.11
C GLU A 115 6.13 -9.56 15.06
N ALA A 116 5.53 -9.54 13.87
CA ALA A 116 4.08 -9.56 13.72
C ALA A 116 3.60 -11.00 13.68
N GLY A 117 3.04 -11.46 14.79
CA GLY A 117 2.56 -12.83 14.88
C GLY A 117 1.08 -12.97 14.58
N ASP A 118 0.29 -12.00 15.03
CA ASP A 118 -1.13 -11.99 14.70
C ASP A 118 -1.32 -11.95 13.20
N ALA A 119 -2.41 -12.55 12.73
CA ALA A 119 -2.72 -12.54 11.30
C ALA A 119 -3.09 -11.14 10.84
N GLU A 120 -3.87 -10.41 11.65
CA GLU A 120 -4.25 -9.06 11.28
C GLU A 120 -3.03 -8.17 11.06
N SER A 121 -2.05 -8.24 11.97
CA SER A 121 -0.87 -7.40 11.84
C SER A 121 0.06 -7.91 10.75
N ARG A 122 0.20 -9.23 10.62
CA ARG A 122 1.12 -9.77 9.62
C ARG A 122 0.60 -9.55 8.21
N VAL A 123 -0.70 -9.78 8.00
CA VAL A 123 -1.30 -9.50 6.70
C VAL A 123 -1.19 -8.02 6.37
N PHE A 124 -1.32 -7.15 7.36
CA PHE A 124 -1.25 -5.71 7.12
C PHE A 124 0.14 -5.34 6.57
N TYR A 125 1.20 -5.88 7.18
CA TYR A 125 2.54 -5.48 6.79
C TYR A 125 2.92 -6.08 5.43
N LEU A 126 2.49 -7.32 5.18
CA LEU A 126 2.83 -7.96 3.90
C LEU A 126 2.11 -7.29 2.73
N LYS A 127 0.87 -6.83 2.94
CA LYS A 127 0.21 -6.00 1.94
C LYS A 127 1.01 -4.75 1.67
N MET A 128 1.41 -4.04 2.73
CA MET A 128 2.26 -2.86 2.57
CA MET A 128 2.26 -2.86 2.57
C MET A 128 3.52 -3.18 1.79
N LYS A 129 4.15 -4.32 2.10
CA LYS A 129 5.35 -4.73 1.37
C LYS A 129 5.06 -4.87 -0.11
N GLY A 130 3.93 -5.51 -0.47
CA GLY A 130 3.58 -5.63 -1.87
C GLY A 130 3.30 -4.28 -2.50
N ASP A 131 2.59 -3.41 -1.78
CA ASP A 131 2.27 -2.09 -2.30
C ASP A 131 3.54 -1.32 -2.68
N TYR A 132 4.58 -1.38 -1.84
CA TYR A 132 5.75 -0.54 -2.07
C TYR A 132 6.78 -1.19 -2.99
N TYR A 133 6.78 -2.52 -3.14
CA TYR A 133 7.47 -3.10 -4.28
C TYR A 133 6.72 -2.79 -5.59
N ARG A 134 5.39 -2.72 -5.53
CA ARG A 134 4.62 -2.35 -6.72
C ARG A 134 4.91 -0.92 -7.15
N TYR A 135 4.98 0.02 -6.20
CA TYR A 135 5.31 1.39 -6.54
C TYR A 135 6.70 1.49 -7.16
N LEU A 136 7.67 0.74 -6.63
CA LEU A 136 8.98 0.64 -7.27
C LEU A 136 8.84 0.07 -8.68
N ALA A 137 7.94 -0.90 -8.85
CA ALA A 137 7.77 -1.51 -10.17
C ALA A 137 7.20 -0.52 -11.17
N GLU A 138 6.34 0.39 -10.72
CA GLU A 138 5.73 1.36 -11.64
C GLU A 138 6.77 2.18 -12.40
N VAL A 139 7.97 2.36 -11.82
CA VAL A 139 9.02 3.16 -12.42
C VAL A 139 10.25 2.35 -12.79
N ALA A 140 10.26 1.05 -12.52
CA ALA A 140 11.42 0.23 -12.85
C ALA A 140 11.48 -0.03 -14.35
N THR A 141 12.72 -0.12 -14.86
CA THR A 141 12.92 -0.40 -16.28
C THR A 141 14.05 -1.35 -16.59
N GLY A 142 14.95 -1.66 -15.64
CA GLY A 142 16.18 -2.35 -15.97
C GLY A 142 16.38 -3.75 -15.42
N ASP A 143 17.65 -4.08 -15.17
CA ASP A 143 18.08 -5.48 -15.02
C ASP A 143 17.26 -6.24 -13.98
N ASP A 144 16.67 -5.55 -13.01
CA ASP A 144 15.96 -6.23 -11.94
C ASP A 144 14.51 -5.81 -11.82
N LYS A 145 13.91 -5.30 -12.90
CA LYS A 145 12.47 -5.05 -12.88
C LYS A 145 11.71 -6.32 -12.54
N LYS A 146 12.05 -7.43 -13.22
CA LYS A 146 11.32 -8.67 -13.00
C LYS A 146 11.40 -9.11 -11.55
N ARG A 147 12.54 -8.88 -10.90
CA ARG A 147 12.70 -9.28 -9.50
C ARG A 147 11.86 -8.40 -8.58
N ILE A 148 11.80 -7.10 -8.87
CA ILE A 148 10.91 -6.21 -8.13
C ILE A 148 9.48 -6.70 -8.25
N ILE A 149 9.06 -7.03 -9.47
CA ILE A 149 7.69 -7.50 -9.68
C ILE A 149 7.44 -8.76 -8.88
N ASP A 150 8.38 -9.70 -8.92
CA ASP A 150 8.21 -10.96 -8.20
C ASP A 150 8.19 -10.74 -6.69
N SER A 151 8.97 -9.77 -6.18
CA SER A 151 8.92 -9.46 -4.76
C SER A 151 7.54 -8.96 -4.36
N ALA A 152 6.92 -8.10 -5.19
CA ALA A 152 5.55 -7.67 -4.94
C ALA A 152 4.60 -8.86 -4.95
N ARG A 153 4.70 -9.71 -5.99
CA ARG A 153 3.82 -10.87 -6.10
CA ARG A 153 3.81 -10.86 -6.09
C ARG A 153 3.93 -11.74 -4.86
N SER A 154 5.16 -12.03 -4.43
CA SER A 154 5.37 -12.95 -3.33
C SER A 154 4.80 -12.40 -2.03
N ALA A 155 5.02 -11.11 -1.74
CA ALA A 155 4.46 -10.50 -0.55
C ALA A 155 2.94 -10.52 -0.59
N TYR A 156 2.37 -10.11 -1.73
CA TYR A 156 0.92 -10.15 -1.90
C TYR A 156 0.39 -11.56 -1.71
N GLN A 157 1.08 -12.56 -2.27
CA GLN A 157 0.58 -13.93 -2.25
C GLN A 157 0.57 -14.51 -0.84
N GLU A 158 1.62 -14.25 -0.05
CA GLU A 158 1.65 -14.72 1.32
C GLU A 158 0.54 -14.05 2.14
N ALA A 159 0.32 -12.76 1.90
CA ALA A 159 -0.75 -12.06 2.62
C ALA A 159 -2.11 -12.65 2.27
N MET A 160 -2.33 -12.97 0.98
CA MET A 160 -3.61 -13.56 0.58
C MET A 160 -3.83 -14.92 1.21
N ASP A 161 -2.77 -15.75 1.29
CA ASP A 161 -2.90 -17.08 1.90
C ASP A 161 -3.26 -16.98 3.37
N ILE A 162 -2.62 -16.06 4.10
CA ILE A 162 -2.92 -15.89 5.52
C ILE A 162 -4.34 -15.34 5.70
N SER A 163 -4.69 -14.29 4.93
CA SER A 163 -6.01 -13.70 5.09
C SER A 163 -7.11 -14.71 4.81
N LYS A 164 -6.95 -15.52 3.76
CA LYS A 164 -7.95 -16.53 3.44
C LYS A 164 -8.14 -17.49 4.61
N LYS A 165 -7.03 -17.96 5.20
CA LYS A 165 -7.14 -18.92 6.29
C LYS A 165 -7.70 -18.28 7.55
N GLU A 166 -7.30 -17.04 7.84
CA GLU A 166 -7.40 -16.51 9.21
C GLU A 166 -8.38 -15.36 9.36
N MET A 167 -9.03 -14.89 8.30
CA MET A 167 -9.85 -13.70 8.32
CA MET A 167 -9.89 -13.73 8.39
C MET A 167 -11.15 -13.96 7.57
N PRO A 168 -12.23 -13.27 7.92
CA PRO A 168 -13.49 -13.46 7.19
C PRO A 168 -13.47 -12.71 5.89
N PRO A 169 -14.29 -13.13 4.91
CA PRO A 169 -14.21 -12.51 3.58
C PRO A 169 -14.54 -11.04 3.55
N THR A 170 -15.15 -10.49 4.59
CA THR A 170 -15.51 -9.07 4.61
C THR A 170 -14.48 -8.20 5.34
N ASN A 171 -13.44 -8.79 5.90
CA ASN A 171 -12.45 -8.01 6.61
C ASN A 171 -11.91 -6.88 5.73
N PRO A 172 -11.94 -5.64 6.19
CA PRO A 172 -11.49 -4.54 5.32
C PRO A 172 -10.04 -4.65 4.86
N ILE A 173 -9.14 -5.20 5.68
CA ILE A 173 -7.75 -5.34 5.25
C ILE A 173 -7.63 -6.42 4.17
N ARG A 174 -8.34 -7.54 4.36
CA ARG A 174 -8.36 -8.57 3.32
C ARG A 174 -8.92 -8.01 2.02
N LEU A 175 -9.96 -7.17 2.11
CA LEU A 175 -10.55 -6.60 0.91
C LEU A 175 -9.61 -5.60 0.24
N GLY A 176 -9.01 -4.71 1.03
CA GLY A 176 -8.04 -3.78 0.45
C GLY A 176 -6.86 -4.50 -0.18
N LEU A 177 -6.40 -5.57 0.45
CA LEU A 177 -5.34 -6.39 -0.13
C LEU A 177 -5.78 -6.97 -1.47
N ALA A 178 -6.98 -7.54 -1.52
CA ALA A 178 -7.48 -8.11 -2.77
C ALA A 178 -7.60 -7.05 -3.85
N LEU A 179 -8.12 -5.88 -3.49
CA LEU A 179 -8.18 -4.75 -4.42
C LEU A 179 -6.82 -4.47 -5.04
N ASN A 180 -5.78 -4.36 -4.21
CA ASN A 180 -4.47 -3.96 -4.70
C ASN A 180 -3.75 -5.09 -5.43
N PHE A 181 -3.91 -6.33 -4.97
CA PHE A 181 -3.35 -7.45 -5.71
C PHE A 181 -3.98 -7.55 -7.09
N SER A 182 -5.29 -7.23 -7.19
CA SER A 182 -5.97 -7.24 -8.48
C SER A 182 -5.39 -6.18 -9.42
N VAL A 183 -5.13 -4.98 -8.89
CA VAL A 183 -4.56 -3.91 -9.72
C VAL A 183 -3.12 -4.26 -10.10
N PHE A 184 -2.40 -4.92 -9.21
CA PHE A 184 -1.07 -5.42 -9.56
C PHE A 184 -1.15 -6.33 -10.78
N HIS A 185 -2.06 -7.32 -10.74
CA HIS A 185 -2.23 -8.22 -11.87
C HIS A 185 -2.55 -7.44 -13.14
N TYR A 186 -3.45 -6.47 -13.05
CA TYR A 186 -3.94 -5.79 -14.24
C TYR A 186 -2.82 -5.00 -14.91
N GLU A 187 -2.17 -4.10 -14.17
CA GLU A 187 -1.33 -3.09 -14.78
C GLU A 187 0.16 -3.27 -14.53
N ILE A 188 0.56 -4.19 -13.67
CA ILE A 188 1.97 -4.48 -13.42
C ILE A 188 2.38 -5.82 -14.04
N ALA A 189 1.58 -6.86 -13.81
CA ALA A 189 1.91 -8.21 -14.25
C ALA A 189 1.35 -8.52 -15.63
N ASN A 190 0.63 -7.60 -16.25
CA ASN A 190 -0.02 -7.84 -17.53
C ASN A 190 -0.81 -9.15 -17.50
N SER A 191 -1.65 -9.28 -16.47
CA SER A 191 -2.56 -10.41 -16.32
C SER A 191 -3.95 -9.86 -16.08
N PRO A 192 -4.53 -9.18 -17.07
CA PRO A 192 -5.84 -8.52 -16.83
C PRO A 192 -6.94 -9.49 -16.44
N GLU A 193 -6.89 -10.73 -16.93
CA GLU A 193 -7.93 -11.69 -16.61
C GLU A 193 -7.79 -12.21 -15.18
N GLU A 194 -6.55 -12.40 -14.69
CA GLU A 194 -6.37 -12.67 -13.27
C GLU A 194 -6.92 -11.53 -12.41
N ALA A 195 -6.67 -10.29 -12.83
CA ALA A 195 -7.14 -9.13 -12.08
C ALA A 195 -8.66 -9.14 -11.95
N ILE A 196 -9.35 -9.52 -13.03
CA ILE A 196 -10.80 -9.47 -13.09
C ILE A 196 -11.40 -10.62 -12.28
N SER A 197 -10.84 -11.82 -12.41
CA SER A 197 -11.31 -12.95 -11.60
C SER A 197 -11.18 -12.65 -10.11
N LEU A 198 -10.01 -12.18 -9.69
CA LEU A 198 -9.79 -11.91 -8.26
C LEU A 198 -10.76 -10.86 -7.75
N ALA A 199 -10.98 -9.79 -8.52
CA ALA A 199 -11.90 -8.75 -8.08
C ALA A 199 -13.32 -9.29 -7.97
N LYS A 200 -13.72 -10.15 -8.90
CA LYS A 200 -15.09 -10.69 -8.89
C LYS A 200 -15.26 -11.65 -7.73
N THR A 201 -14.35 -12.62 -7.58
CA THR A 201 -14.44 -13.61 -6.51
CA THR A 201 -14.48 -13.60 -6.51
C THR A 201 -14.38 -12.94 -5.14
N THR A 202 -13.56 -11.90 -5.00
CA THR A 202 -13.50 -11.18 -3.74
C THR A 202 -14.83 -10.48 -3.44
N PHE A 203 -15.40 -9.80 -4.44
CA PHE A 203 -16.66 -9.11 -4.25
C PHE A 203 -17.76 -10.09 -3.86
N ASP A 204 -17.88 -11.20 -4.57
CA ASP A 204 -18.97 -12.14 -4.33
C ASP A 204 -18.89 -12.77 -2.94
N GLU A 205 -17.70 -13.22 -2.52
CA GLU A 205 -17.56 -13.86 -1.23
C GLU A 205 -17.76 -12.89 -0.07
N ALA A 206 -17.50 -11.60 -0.28
CA ALA A 206 -17.82 -10.62 0.75
C ALA A 206 -19.34 -10.41 0.83
N MET A 207 -20.00 -10.30 -0.33
CA MET A 207 -21.46 -10.16 -0.34
C MET A 207 -22.12 -11.27 0.46
N ALA A 208 -21.70 -12.52 0.23
CA ALA A 208 -22.29 -13.66 0.91
C ALA A 208 -22.04 -13.63 2.41
N ASP A 209 -21.15 -12.77 2.91
CA ASP A 209 -20.82 -12.70 4.32
C ASP A 209 -21.36 -11.45 5.00
N LEU A 210 -21.91 -10.51 4.24
CA LEU A 210 -22.41 -9.27 4.83
C LEU A 210 -23.45 -9.53 5.91
N HIS A 211 -24.24 -10.60 5.76
CA HIS A 211 -25.34 -10.85 6.68
C HIS A 211 -24.88 -11.09 8.11
N THR A 212 -23.61 -11.44 8.31
CA THR A 212 -23.11 -11.69 9.65
C THR A 212 -22.65 -10.42 10.36
N LEU A 213 -22.72 -9.27 9.70
CA LEU A 213 -22.04 -8.08 10.17
C LEU A 213 -22.98 -7.10 10.85
N SER A 214 -22.38 -6.25 11.69
CA SER A 214 -23.08 -5.12 12.29
C SER A 214 -23.20 -3.97 11.29
N GLU A 215 -24.05 -3.00 11.62
CA GLU A 215 -24.23 -1.84 10.76
C GLU A 215 -22.90 -1.13 10.49
N ASP A 216 -22.05 -1.01 11.51
CA ASP A 216 -20.77 -0.32 11.33
C ASP A 216 -19.80 -1.12 10.45
N SER A 217 -19.63 -2.41 10.76
CA SER A 217 -18.77 -3.26 9.93
C SER A 217 -19.34 -3.36 8.51
N TYR A 218 -20.67 -3.39 8.38
CA TYR A 218 -21.29 -3.43 7.05
CA TYR A 218 -21.29 -3.43 7.06
C TYR A 218 -20.83 -2.26 6.20
N LYS A 219 -20.79 -1.05 6.78
CA LYS A 219 -20.37 0.12 6.02
C LYS A 219 -18.88 0.08 5.68
N ASP A 220 -18.04 -0.37 6.62
CA ASP A 220 -16.62 -0.52 6.31
C ASP A 220 -16.41 -1.44 5.11
N SER A 221 -17.05 -2.62 5.12
CA SER A 221 -16.82 -3.60 4.08
C SER A 221 -17.37 -3.12 2.72
N THR A 222 -18.60 -2.62 2.70
CA THR A 222 -19.19 -2.22 1.44
C THR A 222 -18.48 -1.03 0.82
N LEU A 223 -17.92 -0.14 1.66
CA LEU A 223 -17.10 0.94 1.12
C LEU A 223 -16.02 0.40 0.19
N ILE A 224 -15.37 -0.69 0.60
CA ILE A 224 -14.27 -1.25 -0.20
C ILE A 224 -14.78 -2.20 -1.29
N MET A 225 -15.92 -2.86 -1.07
CA MET A 225 -16.54 -3.64 -2.14
C MET A 225 -16.88 -2.74 -3.32
N GLN A 226 -17.26 -1.49 -3.06
CA GLN A 226 -17.57 -0.56 -4.14
C GLN A 226 -16.33 -0.23 -4.98
N LEU A 227 -15.16 -0.15 -4.35
CA LEU A 227 -13.94 0.10 -5.14
C LEU A 227 -13.63 -1.09 -6.04
N LEU A 228 -13.84 -2.31 -5.54
CA LEU A 228 -13.74 -3.49 -6.41
C LEU A 228 -14.71 -3.40 -7.57
N ARG A 229 -15.96 -3.00 -7.29
CA ARG A 229 -16.96 -2.85 -8.34
C ARG A 229 -16.55 -1.77 -9.34
N ASP A 230 -16.00 -0.66 -8.86
CA ASP A 230 -15.58 0.41 -9.77
C ASP A 230 -14.53 -0.10 -10.75
N ASN A 231 -13.53 -0.83 -10.25
CA ASN A 231 -12.49 -1.33 -11.13
C ASN A 231 -13.05 -2.36 -12.11
N LEU A 232 -13.93 -3.24 -11.65
CA LEU A 232 -14.58 -4.19 -12.53
C LEU A 232 -15.31 -3.45 -13.64
N THR A 233 -16.04 -2.39 -13.28
CA THR A 233 -16.77 -1.59 -14.26
C THR A 233 -15.81 -0.93 -15.25
N LEU A 234 -14.66 -0.46 -14.77
CA LEU A 234 -13.68 0.16 -15.65
C LEU A 234 -13.06 -0.84 -16.61
N TRP A 235 -12.87 -2.10 -16.17
CA TRP A 235 -12.08 -3.06 -16.91
C TRP A 235 -12.90 -3.94 -17.84
N THR A 236 -14.22 -3.96 -17.71
CA THR A 236 -15.05 -4.85 -18.52
C THR A 236 -16.12 -4.11 -19.30
N ARG B 8 -12.13 6.93 -15.59
CA ARG B 8 -11.49 7.30 -14.34
C ARG B 8 -10.20 6.51 -14.15
N ARG B 9 -9.40 6.87 -13.15
CA ARG B 9 -8.22 6.11 -12.79
C ARG B 9 -8.61 4.99 -11.83
N ARG B 10 -8.15 3.77 -12.13
CA ARG B 10 -8.49 2.61 -11.29
C ARG B 10 -8.17 2.93 -9.82
N GLN B 11 -8.77 2.17 -8.90
CA GLN B 11 -8.66 2.49 -7.49
C GLN B 11 -7.88 1.50 -6.68
N TPO B 12 -7.05 2.04 -5.79
CA TPO B 12 -6.32 1.27 -4.79
CB TPO B 12 -4.80 1.25 -5.11
CG2 TPO B 12 -4.58 0.40 -6.38
OG1 TPO B 12 -4.34 2.59 -5.33
P TPO B 12 -2.75 2.66 -5.18
O1P TPO B 12 -2.32 4.18 -4.85
O2P TPO B 12 -2.11 2.27 -6.46
O3P TPO B 12 -2.25 1.65 -4.04
C TPO B 12 -6.55 1.90 -3.42
O TPO B 12 -7.09 2.98 -3.36
OXT TPO B 12 -6.22 1.33 -2.38
C02 0HP C . -6.55 7.36 10.49
C04 0HP C . -7.21 6.05 10.84
C05 0HP C . -7.32 5.57 12.16
C06 0HP C . -8.03 4.23 12.18
C07 0HP C . -8.38 3.82 10.84
C08 0HP C . -9.13 2.54 10.44
C10 0HP C . -9.41 0.83 8.65
C12 0HP C . -9.49 0.26 7.23
C13 0HP C . -10.30 0.91 6.09
C14 0HP C . -9.58 1.53 5.05
C15 0HP C . -10.28 2.15 3.98
C16 0HP C . -11.65 2.12 3.93
C17 0HP C . -12.00 2.81 2.76
C18 0HP C . -10.84 3.22 2.13
C20 0HP C . -12.38 1.48 4.98
C21 0HP C . -11.69 0.87 6.04
C23 0HP C . -8.25 3.53 13.52
C24 0HP C . -7.97 2.18 13.72
C25 0HP C . -8.19 1.63 14.97
C26 0HP C . -8.65 2.41 16.02
C27 0HP C . -8.91 3.75 15.83
C28 0HP C . -8.70 4.31 14.58
N01 0HP C . -6.02 8.19 11.57
N03 0HP C . -6.46 7.72 9.28
N09 0HP C . -9.18 2.23 9.02
N19 0HP C . -9.82 2.81 2.86
O11 0HP C . -9.50 0.04 9.54
S22 0HP C . -7.89 4.99 9.81
H051 0HP C . -7.01 6.01 12.92
H081 0HP C . -10.03 2.61 10.77
H082 0HP C . -8.68 1.80 10.89
H122 0HP C . -9.84 -0.65 7.32
H121 0HP C . -8.57 0.19 6.91
H141 0HP C . -8.66 1.53 5.08
H171 0HP C . -12.88 2.96 2.45
H181 0HP C . -10.79 3.69 1.33
H201 0HP C . -13.30 1.46 4.95
H211 0HP C . -12.17 0.44 6.72
H241 0HP C . -7.66 1.66 13.02
H251 0HP C . -8.03 0.72 15.10
H261 0HP C . -8.79 2.02 16.86
H271 0HP C . -9.22 4.29 16.53
H281 0HP C . -8.85 5.22 14.44
H012 0HP C . -6.10 7.94 12.38
H031 0HP C . -6.06 8.48 9.07
H091 0HP C . -9.08 2.84 8.43
H191 0HP C . -9.00 2.95 2.68
H011 0HP C . -5.64 8.94 11.38
MG MG D . 9.68 6.46 26.55
CL CL E . 16.82 18.10 -11.59
MG MG F . -11.65 -13.15 -21.45
#